data_2GKD
#
_entry.id   2GKD
#
loop_
_entity.id
_entity.type
_entity.pdbx_description
1 polymer "5'-D(*GP*CP*AP*TP*AP*TP*GP*AP*TP*AP*G)-3'"
2 polymer "5'-D(*CP*TP*AP*TP*CP*AP*TP*AP*TP*GP*C)-3'"
3 polymer CalC
#
loop_
_entity_poly.entity_id
_entity_poly.type
_entity_poly.pdbx_seq_one_letter_code
_entity_poly.pdbx_strand_id
1 'polydeoxyribonucleotide' (DG)(DC)(DA)(DT)(DA)(DT)(DG)(DA)(DT)(DA)(DG) B
2 'polydeoxyribonucleotide' (DC)(DT)(DA)(DT)(DC)(DA)(DT)(DA)(DT)(DG)(DC) C
3 'polypeptide(L)'
;NYDPFVRHSVTVKADRKTAFKTFLEGFPEWWPNNFRTTKVGAPLGVDKKGGRWYEIDEQGEEHTFGLIRKVDEPDTLVIG
WRLNGFGRIDPDNSSEFTVTFVADGQKKTRVDVEHTHFDRMGTKHAKRVRNGMDKGWPTILQSFQDKIDEEGAKK
;
A
#
# COMPACT_ATOMS: atom_id res chain seq x y z
N ASN C 1 8.15 -11.36 7.66
CA ASN C 1 6.70 -11.61 7.88
C ASN C 1 6.13 -12.41 6.72
N TYR C 2 4.79 -12.55 6.69
CA TYR C 2 4.02 -13.12 5.57
C TYR C 2 4.36 -14.59 5.36
N ASP C 3 5.03 -15.16 6.35
CA ASP C 3 5.23 -16.60 6.41
C ASP C 3 4.58 -17.13 7.69
N PRO C 4 4.82 -16.48 8.86
CA PRO C 4 4.06 -16.75 10.06
C PRO C 4 2.89 -15.76 10.28
N PHE C 5 3.18 -14.48 10.14
CA PHE C 5 2.18 -13.43 10.31
C PHE C 5 2.59 -12.23 9.48
N VAL C 6 1.67 -11.33 9.17
CA VAL C 6 2.03 -10.13 8.43
C VAL C 6 2.11 -8.92 9.35
N ARG C 7 3.26 -8.27 9.33
CA ARG C 7 3.44 -7.02 10.02
C ARG C 7 4.03 -5.97 9.09
N HIS C 8 3.55 -4.75 9.24
CA HIS C 8 4.03 -3.60 8.49
C HIS C 8 4.77 -2.70 9.44
N SER C 9 5.88 -2.14 8.99
CA SER C 9 6.60 -1.21 9.81
C SER C 9 7.10 -0.03 8.98
N VAL C 10 6.52 1.13 9.24
CA VAL C 10 6.87 2.35 8.53
C VAL C 10 6.79 3.54 9.46
N THR C 11 7.81 4.39 9.43
CA THR C 11 7.83 5.57 10.27
C THR C 11 7.70 6.84 9.42
N VAL C 12 6.61 7.55 9.64
CA VAL C 12 6.31 8.75 8.86
C VAL C 12 6.68 10.01 9.64
N LYS C 13 7.32 10.96 8.95
CA LYS C 13 7.93 12.12 9.61
C LYS C 13 7.02 13.35 9.62
N ALA C 14 5.77 13.20 9.18
CA ALA C 14 4.92 14.37 8.98
C ALA C 14 3.73 14.42 9.92
N ASP C 15 3.07 13.27 10.14
CA ASP C 15 1.74 13.17 10.75
C ASP C 15 0.92 12.07 10.06
N ARG C 16 -0.18 11.67 10.70
CA ARG C 16 -1.01 10.56 10.21
C ARG C 16 -1.81 10.92 8.96
N LYS C 17 -2.17 12.19 8.82
CA LYS C 17 -2.97 12.63 7.69
C LYS C 17 -2.14 12.60 6.42
N THR C 18 -0.91 13.09 6.51
CA THR C 18 0.02 13.01 5.39
C THR C 18 0.33 11.56 5.05
N ALA C 19 0.46 10.72 6.08
CA ALA C 19 0.68 9.30 5.88
C ALA C 19 -0.49 8.68 5.11
N PHE C 20 -1.71 8.91 5.59
CA PHE C 20 -2.90 8.42 4.94
C PHE C 20 -3.04 8.99 3.53
N LYS C 21 -2.83 10.29 3.40
CA LYS C 21 -2.89 10.97 2.11
C LYS C 21 -1.96 10.31 1.12
N THR C 22 -0.71 10.17 1.51
CA THR C 22 0.30 9.57 0.65
C THR C 22 -0.06 8.12 0.32
N PHE C 23 -0.43 7.36 1.35
CA PHE C 23 -0.67 5.93 1.21
C PHE C 23 -1.85 5.60 0.29
N LEU C 24 -2.93 6.35 0.41
CA LEU C 24 -4.18 5.95 -0.26
C LEU C 24 -4.60 6.92 -1.36
N GLU C 25 -4.04 8.12 -1.37
CA GLU C 25 -4.43 9.09 -2.39
C GLU C 25 -3.24 9.52 -3.23
N GLY C 26 -2.07 9.53 -2.61
CA GLY C 26 -0.89 10.03 -3.27
C GLY C 26 -0.15 8.96 -4.04
N PHE C 27 -0.85 7.91 -4.41
CA PHE C 27 -0.27 6.84 -5.19
C PHE C 27 0.53 7.41 -6.37
N PRO C 28 -0.07 8.26 -7.22
CA PRO C 28 0.64 8.85 -8.38
C PRO C 28 1.83 9.75 -8.01
N GLU C 29 1.92 10.19 -6.76
CA GLU C 29 2.93 11.19 -6.39
C GLU C 29 4.16 10.57 -5.71
N TRP C 30 4.24 9.24 -5.68
CA TRP C 30 5.47 8.59 -5.25
C TRP C 30 6.34 8.35 -6.48
N TRP C 31 7.44 7.61 -6.32
CA TRP C 31 8.25 7.23 -7.48
C TRP C 31 8.82 5.79 -7.42
N PRO C 32 8.28 4.83 -6.62
CA PRO C 32 8.80 3.47 -6.55
C PRO C 32 8.08 2.47 -7.48
N ASN C 33 6.76 2.57 -7.55
CA ASN C 33 5.95 1.61 -8.33
C ASN C 33 5.08 2.36 -9.32
N ASN C 34 4.43 3.39 -8.81
CA ASN C 34 3.47 4.21 -9.56
C ASN C 34 4.17 5.08 -10.61
N PHE C 35 5.43 4.76 -10.90
CA PHE C 35 6.23 5.56 -11.83
C PHE C 35 5.81 5.33 -13.29
N ARG C 36 4.50 5.37 -13.54
CA ARG C 36 3.93 5.12 -14.85
C ARG C 36 2.69 5.97 -15.08
N THR C 37 2.06 5.79 -16.24
CA THR C 37 0.81 6.47 -16.57
C THR C 37 -0.17 5.46 -17.19
N THR C 38 -1.45 5.51 -16.76
CA THR C 38 -2.47 4.56 -17.25
C THR C 38 -1.97 3.15 -17.07
N LYS C 39 -1.30 2.99 -15.96
CA LYS C 39 -0.60 1.79 -15.62
C LYS C 39 -0.71 1.62 -14.11
N VAL C 40 0.32 1.07 -13.50
CA VAL C 40 0.49 1.23 -12.09
C VAL C 40 1.13 2.60 -11.91
N GLY C 41 0.31 3.58 -11.61
CA GLY C 41 0.71 4.95 -11.79
C GLY C 41 -0.27 5.67 -12.69
N ALA C 42 -1.29 6.24 -12.08
CA ALA C 42 -2.28 7.03 -12.79
C ALA C 42 -2.99 7.98 -11.82
N PRO C 43 -3.78 8.94 -12.33
CA PRO C 43 -4.48 9.92 -11.48
C PRO C 43 -5.61 9.31 -10.65
N LEU C 44 -5.25 8.46 -9.69
CA LEU C 44 -6.21 7.93 -8.72
C LEU C 44 -5.49 7.08 -7.67
N GLY C 45 -5.29 5.81 -7.98
CA GLY C 45 -4.58 4.91 -7.09
C GLY C 45 -5.52 4.08 -6.24
N VAL C 46 -6.43 4.73 -5.54
CA VAL C 46 -7.38 4.06 -4.66
C VAL C 46 -8.73 4.76 -4.70
N ASP C 47 -9.79 3.99 -4.48
CA ASP C 47 -11.12 4.53 -4.42
C ASP C 47 -11.52 4.71 -2.96
N LYS C 48 -11.91 5.93 -2.61
CA LYS C 48 -12.21 6.28 -1.22
C LYS C 48 -13.58 5.80 -0.78
N LYS C 49 -14.58 6.01 -1.63
CA LYS C 49 -15.97 5.78 -1.25
C LYS C 49 -16.31 4.29 -1.17
N GLY C 50 -15.48 3.45 -1.77
CA GLY C 50 -15.72 2.03 -1.70
C GLY C 50 -14.60 1.26 -1.05
N GLY C 51 -13.41 1.83 -1.06
CA GLY C 51 -12.27 1.17 -0.47
C GLY C 51 -11.72 0.12 -1.40
N ARG C 52 -11.09 0.56 -2.48
CA ARG C 52 -10.58 -0.35 -3.49
C ARG C 52 -9.49 0.34 -4.31
N TRP C 53 -8.36 -0.31 -4.50
CA TRP C 53 -7.21 0.34 -5.16
C TRP C 53 -7.28 0.18 -6.67
N TYR C 54 -7.39 1.30 -7.39
CA TYR C 54 -7.42 1.29 -8.86
C TYR C 54 -6.82 2.57 -9.40
N GLU C 55 -6.29 2.51 -10.61
CA GLU C 55 -5.79 3.73 -11.23
C GLU C 55 -6.38 3.89 -12.61
N ILE C 56 -6.17 5.05 -13.23
CA ILE C 56 -6.82 5.33 -14.49
C ILE C 56 -5.99 4.87 -15.68
N ASP C 57 -6.37 3.73 -16.24
CA ASP C 57 -5.84 3.25 -17.51
C ASP C 57 -6.43 4.08 -18.65
N GLU C 58 -5.82 4.01 -19.82
CA GLU C 58 -6.31 4.73 -20.99
C GLU C 58 -7.64 4.13 -21.46
N GLN C 59 -7.85 2.85 -21.17
CA GLN C 59 -9.07 2.18 -21.58
C GLN C 59 -10.07 2.15 -20.42
N GLY C 60 -9.67 2.66 -19.26
CA GLY C 60 -10.53 2.65 -18.10
C GLY C 60 -9.76 2.71 -16.80
N GLU C 61 -9.82 1.64 -16.03
CA GLU C 61 -9.09 1.58 -14.77
C GLU C 61 -8.01 0.52 -14.83
N GLU C 62 -6.76 0.93 -14.66
CA GLU C 62 -5.66 0.01 -14.55
C GLU C 62 -5.67 -0.61 -13.15
N HIS C 63 -4.61 -1.34 -12.90
CA HIS C 63 -4.50 -2.38 -11.87
C HIS C 63 -5.31 -2.15 -10.59
N THR C 64 -5.98 -3.23 -10.17
CA THR C 64 -6.53 -3.32 -8.84
C THR C 64 -5.39 -3.66 -7.87
N PHE C 65 -5.19 -2.85 -6.85
CA PHE C 65 -4.05 -3.03 -5.97
C PHE C 65 -4.48 -3.29 -4.52
N GLY C 66 -5.76 -3.58 -4.32
CA GLY C 66 -6.21 -3.94 -2.99
C GLY C 66 -7.72 -3.91 -2.82
N LEU C 67 -8.23 -4.85 -2.02
CA LEU C 67 -9.64 -4.87 -1.65
C LEU C 67 -9.77 -4.39 -0.20
N ILE C 68 -10.12 -3.13 -0.02
CA ILE C 68 -10.13 -2.55 1.31
C ILE C 68 -11.34 -3.01 2.11
N ARG C 69 -11.07 -3.42 3.33
CA ARG C 69 -12.09 -3.93 4.24
C ARG C 69 -12.53 -2.83 5.18
N LYS C 70 -11.65 -1.86 5.39
CA LYS C 70 -11.87 -0.79 6.34
C LYS C 70 -11.11 0.45 5.92
N VAL C 71 -11.83 1.49 5.59
CA VAL C 71 -11.24 2.76 5.22
C VAL C 71 -11.49 3.76 6.35
N ASP C 72 -10.68 3.69 7.40
CA ASP C 72 -10.98 4.43 8.62
C ASP C 72 -10.13 5.69 8.73
N GLU C 73 -10.34 6.61 7.77
CA GLU C 73 -9.71 7.95 7.76
C GLU C 73 -8.18 7.87 8.00
N PRO C 74 -7.49 9.02 8.21
CA PRO C 74 -6.13 9.00 8.74
C PRO C 74 -6.07 8.36 10.12
N ASP C 75 -5.98 7.04 10.12
CA ASP C 75 -6.04 6.23 11.33
C ASP C 75 -5.73 4.79 11.01
N THR C 76 -6.67 4.13 10.31
CA THR C 76 -6.51 2.72 10.00
C THR C 76 -7.04 2.35 8.62
N LEU C 77 -6.34 1.42 7.97
CA LEU C 77 -6.76 0.93 6.67
C LEU C 77 -6.57 -0.58 6.61
N VAL C 78 -7.65 -1.32 6.63
CA VAL C 78 -7.56 -2.76 6.47
C VAL C 78 -7.78 -3.11 5.01
N ILE C 79 -6.77 -3.66 4.35
CA ILE C 79 -6.88 -3.92 2.92
C ILE C 79 -6.53 -5.37 2.59
N GLY C 80 -7.02 -5.83 1.44
CA GLY C 80 -6.70 -7.16 0.97
C GLY C 80 -5.80 -7.15 -0.26
N TRP C 81 -5.31 -8.33 -0.61
CA TRP C 81 -4.33 -8.53 -1.67
C TRP C 81 -4.83 -8.16 -3.06
N ARG C 82 -3.94 -7.53 -3.81
CA ARG C 82 -4.12 -7.22 -5.21
C ARG C 82 -2.84 -6.54 -5.68
N LEU C 83 -2.47 -6.72 -6.93
CA LEU C 83 -1.15 -6.30 -7.39
C LEU C 83 -1.19 -5.63 -8.77
N ASN C 84 -0.05 -5.59 -9.46
CA ASN C 84 0.09 -4.77 -10.65
C ASN C 84 -0.16 -5.59 -11.90
N GLY C 85 -0.51 -4.92 -12.99
CA GLY C 85 -0.67 -5.61 -14.27
C GLY C 85 0.67 -6.03 -14.84
N PHE C 86 1.28 -7.01 -14.19
CA PHE C 86 2.61 -7.48 -14.53
C PHE C 86 2.57 -9.01 -14.65
N GLY C 87 3.69 -9.67 -14.41
CA GLY C 87 3.72 -11.13 -14.42
C GLY C 87 3.36 -11.67 -13.07
N ARG C 88 2.19 -11.27 -12.60
CA ARG C 88 1.80 -11.45 -11.22
C ARG C 88 0.95 -12.70 -10.98
N ILE C 89 0.71 -12.96 -9.70
CA ILE C 89 -0.24 -13.97 -9.28
C ILE C 89 -1.61 -13.30 -9.04
N ASP C 90 -2.68 -14.08 -9.17
CA ASP C 90 -4.01 -13.55 -8.97
C ASP C 90 -4.32 -13.40 -7.48
N PRO C 91 -5.41 -12.72 -7.12
CA PRO C 91 -5.83 -12.56 -5.71
C PRO C 91 -6.31 -13.87 -5.06
N ASP C 92 -5.58 -14.95 -5.32
CA ASP C 92 -5.87 -16.27 -4.76
C ASP C 92 -5.50 -16.30 -3.28
N ASN C 93 -4.98 -15.19 -2.79
CA ASN C 93 -4.41 -15.13 -1.47
C ASN C 93 -5.35 -14.44 -0.49
N SER C 94 -6.11 -13.47 -1.01
CA SER C 94 -6.92 -12.55 -0.19
C SER C 94 -6.02 -11.62 0.61
N SER C 95 -5.01 -12.20 1.29
CA SER C 95 -4.00 -11.46 2.07
C SER C 95 -4.51 -10.15 2.63
N GLU C 96 -5.11 -10.23 3.81
CA GLU C 96 -5.74 -9.08 4.40
C GLU C 96 -4.84 -8.62 5.52
N PHE C 97 -4.82 -7.32 5.82
CA PHE C 97 -4.02 -6.84 6.93
C PHE C 97 -4.52 -5.51 7.46
N THR C 98 -4.44 -5.35 8.77
CA THR C 98 -4.86 -4.12 9.42
C THR C 98 -3.71 -3.13 9.46
N VAL C 99 -3.81 -2.08 8.65
CA VAL C 99 -2.80 -1.04 8.64
C VAL C 99 -3.09 -0.06 9.77
N THR C 100 -2.25 -0.10 10.79
CA THR C 100 -2.45 0.70 11.99
C THR C 100 -1.51 1.89 12.01
N PHE C 101 -2.03 3.07 11.76
CA PHE C 101 -1.23 4.27 11.83
C PHE C 101 -1.30 4.88 13.23
N VAL C 102 -0.18 4.90 13.92
CA VAL C 102 -0.13 5.45 15.26
C VAL C 102 0.42 6.87 15.22
N ALA C 103 -0.43 7.83 15.57
CA ALA C 103 -0.05 9.23 15.55
C ALA C 103 0.89 9.58 16.70
N ASP C 104 2.03 10.15 16.37
CA ASP C 104 3.03 10.51 17.38
C ASP C 104 3.32 12.00 17.30
N GLY C 105 2.91 12.73 18.34
CA GLY C 105 3.14 14.17 18.40
C GLY C 105 2.46 14.94 17.27
N GLN C 106 1.58 14.24 16.55
CA GLN C 106 0.86 14.80 15.41
C GLN C 106 1.82 15.30 14.32
N LYS C 107 3.06 14.84 14.36
CA LYS C 107 4.03 15.13 13.31
C LYS C 107 4.90 13.92 13.03
N LYS C 108 4.44 12.80 13.54
CA LYS C 108 5.06 11.53 13.26
C LYS C 108 3.98 10.48 13.26
N THR C 109 4.17 9.41 12.53
CA THR C 109 3.22 8.33 12.54
C THR C 109 3.88 7.01 12.20
N ARG C 110 3.85 6.11 13.16
CA ARG C 110 4.37 4.77 12.99
C ARG C 110 3.25 3.82 12.63
N VAL C 111 3.30 3.24 11.45
CA VAL C 111 2.28 2.31 11.03
C VAL C 111 2.75 0.88 11.27
N ASP C 112 1.86 0.09 11.87
CA ASP C 112 2.12 -1.32 12.04
C ASP C 112 0.94 -2.12 11.50
N VAL C 113 1.23 -3.03 10.61
CA VAL C 113 0.21 -3.95 10.13
C VAL C 113 0.21 -5.19 10.99
N GLU C 114 -0.99 -5.61 11.35
CA GLU C 114 -1.18 -6.83 12.08
C GLU C 114 -2.30 -7.64 11.43
N HIS C 115 -1.94 -8.80 10.91
CA HIS C 115 -2.92 -9.75 10.44
C HIS C 115 -2.33 -11.15 10.46
N THR C 116 -3.19 -12.15 10.53
CA THR C 116 -2.75 -13.54 10.60
C THR C 116 -3.84 -14.48 10.10
N HIS C 117 -3.77 -14.85 8.83
CA HIS C 117 -4.67 -15.86 8.26
C HIS C 117 -4.28 -16.15 6.82
N PHE C 118 -4.50 -15.18 5.96
CA PHE C 118 -4.23 -15.33 4.54
C PHE C 118 -2.76 -15.01 4.26
N ASP C 119 -2.24 -14.11 5.08
CA ASP C 119 -0.86 -13.64 5.01
C ASP C 119 0.14 -14.75 5.34
N ARG C 120 -0.30 -15.68 6.18
CA ARG C 120 0.52 -16.81 6.64
C ARG C 120 1.00 -17.68 5.47
N MET C 121 0.44 -17.44 4.30
CA MET C 121 0.61 -18.27 3.09
C MET C 121 2.06 -18.33 2.60
N GLY C 122 2.98 -17.75 3.35
CA GLY C 122 4.40 -17.77 3.03
C GLY C 122 4.92 -19.12 2.58
N THR C 123 6.10 -19.09 1.97
CA THR C 123 6.68 -20.25 1.31
C THR C 123 6.10 -20.39 -0.10
N LYS C 124 5.04 -21.17 -0.29
CA LYS C 124 4.55 -21.42 -1.65
C LYS C 124 3.81 -20.20 -2.21
N HIS C 125 2.87 -19.68 -1.43
CA HIS C 125 2.00 -18.63 -1.91
C HIS C 125 2.78 -17.33 -2.03
N ALA C 126 3.78 -17.19 -1.16
CA ALA C 126 4.62 -16.00 -1.15
C ALA C 126 5.66 -16.04 -2.27
N LYS C 127 6.05 -17.24 -2.71
CA LYS C 127 6.95 -17.38 -3.84
C LYS C 127 6.29 -16.95 -5.13
N ARG C 128 5.03 -17.31 -5.32
CA ARG C 128 4.29 -16.84 -6.49
C ARG C 128 3.96 -15.35 -6.35
N VAL C 129 3.86 -14.88 -5.12
CA VAL C 129 3.76 -13.44 -4.85
C VAL C 129 5.03 -12.71 -5.30
N ARG C 130 6.16 -13.38 -5.16
CA ARG C 130 7.48 -12.83 -5.44
C ARG C 130 7.63 -12.38 -6.90
N ASN C 131 6.71 -12.85 -7.76
CA ASN C 131 6.81 -12.61 -9.20
C ASN C 131 7.02 -11.14 -9.54
N GLY C 132 6.14 -10.27 -9.05
CA GLY C 132 6.24 -8.87 -9.41
C GLY C 132 5.90 -7.93 -8.27
N MET C 133 5.34 -8.46 -7.19
CA MET C 133 4.91 -7.64 -6.07
C MET C 133 6.09 -7.25 -5.20
N ASP C 134 7.11 -8.11 -5.20
CA ASP C 134 8.31 -7.90 -4.39
C ASP C 134 9.10 -6.70 -4.89
N LYS C 135 8.92 -6.37 -6.16
CA LYS C 135 9.64 -5.28 -6.78
C LYS C 135 8.76 -4.04 -6.88
N GLY C 136 7.79 -3.93 -6.00
CA GLY C 136 6.87 -2.80 -6.08
C GLY C 136 6.52 -2.21 -4.73
N TRP C 137 5.56 -2.82 -4.04
CA TRP C 137 4.99 -2.23 -2.81
C TRP C 137 6.02 -2.13 -1.67
N PRO C 138 6.83 -3.17 -1.39
CA PRO C 138 7.92 -3.06 -0.41
C PRO C 138 8.89 -1.93 -0.76
N THR C 139 9.07 -1.72 -2.06
CA THR C 139 9.87 -0.64 -2.59
C THR C 139 9.13 0.69 -2.36
N ILE C 140 7.82 0.63 -2.56
CA ILE C 140 6.96 1.77 -2.34
C ILE C 140 7.14 2.31 -0.93
N LEU C 141 7.11 1.42 0.06
CA LEU C 141 7.19 1.80 1.46
C LEU C 141 8.46 2.58 1.77
N GLN C 142 9.53 2.29 1.03
CA GLN C 142 10.80 2.98 1.22
C GLN C 142 10.69 4.41 0.71
N SER C 143 10.24 4.57 -0.53
CA SER C 143 10.08 5.90 -1.11
C SER C 143 8.90 6.64 -0.46
N PHE C 144 7.97 5.88 0.08
CA PHE C 144 6.84 6.41 0.84
C PHE C 144 7.35 7.22 2.02
N GLN C 145 8.19 6.61 2.83
CA GLN C 145 8.76 7.28 4.00
C GLN C 145 9.69 8.41 3.57
N ASP C 146 10.36 8.24 2.46
CA ASP C 146 11.31 9.26 1.99
C ASP C 146 10.59 10.46 1.39
N LYS C 147 9.62 10.22 0.49
CA LYS C 147 8.80 11.30 -0.04
C LYS C 147 8.19 12.10 1.11
N ILE C 148 7.63 11.38 2.07
CA ILE C 148 7.01 12.00 3.23
C ILE C 148 8.05 12.68 4.12
N ASP C 149 9.25 12.12 4.17
CA ASP C 149 10.35 12.70 4.93
C ASP C 149 10.65 14.11 4.41
N GLU C 150 10.44 14.29 3.12
CA GLU C 150 10.66 15.57 2.47
C GLU C 150 9.47 16.51 2.69
N GLU C 151 8.34 15.95 3.08
CA GLU C 151 7.12 16.72 3.25
C GLU C 151 7.13 17.56 4.53
N GLY C 152 7.97 17.17 5.49
CA GLY C 152 8.02 17.93 6.73
C GLY C 152 9.17 17.51 7.63
N ALA C 153 10.37 17.52 7.08
CA ALA C 153 11.57 17.16 7.83
C ALA C 153 12.83 17.45 6.99
N LYS C 154 12.85 16.91 5.79
CA LYS C 154 14.00 17.03 4.91
C LYS C 154 13.89 18.25 4.00
N LYS C 155 12.89 18.22 3.12
CA LYS C 155 12.75 19.21 2.07
C LYS C 155 11.89 20.39 2.51
#